data_2OKG
#
_entry.id   2OKG
#
_cell.length_a   52.603
_cell.length_b   83.804
_cell.length_c   116.721
_cell.angle_alpha   90.00
_cell.angle_beta   90.00
_cell.angle_gamma   90.00
#
_symmetry.space_group_name_H-M   'P 21 21 21'
#
loop_
_entity.id
_entity.type
_entity.pdbx_description
1 polymer 'Central glycolytic gene regulator'
2 non-polymer 'CHLORIDE ION'
3 non-polymer GLYCERALDEHYDE-3-PHOSPHATE
4 water water
#
_entity_poly.entity_id   1
_entity_poly.type   'polypeptide(L)'
_entity_poly.pdbx_seq_one_letter_code
;SNAKDVLGLTLLEKTLKERLNLKDAIIVSGDSDQSPWVKKE(MSE)GRAAVAC(MSE)KKRFSGKNIVAVTGGTTIEAVA
E(MSE)(MSE)TPDSKNRELLFVPARGGLGEDVKNQANTICAH(MSE)AEKASGTYRLLFVPGQLSQGAYSSIIEEPSVK
EVLNTIKSAS(MSE)LVHGIGEAKT(MSE)AQRRNTPLEDLKKIDDNDAVTEAFGYYFNADGEVVHKVHSVG(MSE)QLD
DIDAIPDIIAVAGGSSKAEAIEAYFKKPRNTVLVTDEGAAKKLLRDE
;
_entity_poly.pdbx_strand_id   A,B
#
# COMPACT_ATOMS: atom_id res chain seq x y z
N ASN A 2 -3.63 -9.43 12.25
CA ASN A 2 -2.84 -8.20 11.92
C ASN A 2 -2.36 -8.27 10.47
N ALA A 3 -2.47 -7.13 9.78
CA ALA A 3 -2.06 -7.00 8.39
C ALA A 3 -0.56 -7.26 8.24
N LYS A 4 0.24 -6.58 9.07
CA LYS A 4 1.69 -6.75 9.09
C LYS A 4 2.13 -8.17 9.45
N ASP A 5 1.30 -8.88 10.22
CA ASP A 5 1.56 -10.28 10.52
C ASP A 5 1.30 -11.15 9.29
N VAL A 6 0.14 -10.95 8.65
CA VAL A 6 -0.25 -11.80 7.51
C VAL A 6 0.60 -11.49 6.26
N LEU A 7 1.01 -10.24 6.11
CA LEU A 7 1.90 -9.86 5.01
C LEU A 7 3.37 -10.19 5.28
N GLY A 8 3.68 -10.56 6.53
CA GLY A 8 5.04 -10.99 6.91
C GLY A 8 6.01 -9.85 7.15
N LEU A 9 5.47 -8.62 7.20
CA LEU A 9 6.30 -7.43 7.37
C LEU A 9 6.96 -7.29 8.75
N THR A 10 6.27 -7.70 9.81
CA THR A 10 6.81 -7.56 11.17
C THR A 10 8.12 -8.37 11.32
N LEU A 11 8.05 -9.67 11.04
CA LEU A 11 9.25 -10.53 11.05
C LEU A 11 10.31 -10.02 10.10
N LEU A 12 9.91 -9.54 8.93
CA LEU A 12 10.86 -8.99 7.97
C LEU A 12 11.60 -7.73 8.50
N GLU A 13 10.87 -6.79 9.06
CA GLU A 13 11.47 -5.59 9.67
C GLU A 13 12.46 -5.98 10.81
N LYS A 14 12.11 -6.99 11.61
CA LYS A 14 12.99 -7.42 12.71
C LYS A 14 14.31 -7.90 12.16
N THR A 15 14.24 -8.59 11.03
CA THR A 15 15.41 -9.23 10.48
C THR A 15 16.23 -8.15 9.76
N LEU A 16 15.57 -7.22 9.06
CA LEU A 16 16.29 -6.15 8.35
C LEU A 16 17.09 -5.28 9.32
N LYS A 17 16.52 -5.08 10.50
CA LYS A 17 17.22 -4.36 11.56
C LYS A 17 18.40 -5.17 12.20
N GLU A 18 18.33 -6.51 12.19
CA GLU A 18 19.47 -7.38 12.61
C GLU A 18 20.63 -7.36 11.61
N ARG A 19 20.30 -7.09 10.36
CA ARG A 19 21.22 -7.21 9.23
C ARG A 19 21.93 -5.86 9.00
N LEU A 20 21.15 -4.79 8.95
CA LEU A 20 21.69 -3.50 8.63
C LEU A 20 21.94 -2.67 9.87
N ASN A 21 22.70 -1.59 9.70
CA ASN A 21 22.89 -0.65 10.79
C ASN A 21 21.68 0.26 10.74
N LEU A 22 20.65 -0.05 11.56
CA LEU A 22 19.35 0.71 11.54
C LEU A 22 18.79 0.99 12.92
N LYS A 23 18.29 2.21 13.12
CA LYS A 23 17.58 2.51 14.34
C LYS A 23 16.23 1.78 14.36
N ASP A 24 15.60 1.71 13.19
CA ASP A 24 14.37 0.94 13.02
C ASP A 24 14.15 0.77 11.53
N ALA A 25 13.31 -0.18 11.18
CA ALA A 25 12.95 -0.43 9.80
C ALA A 25 11.43 -0.38 9.67
N ILE A 26 10.96 0.29 8.63
CA ILE A 26 9.55 0.38 8.28
C ILE A 26 9.45 -0.09 6.86
N ILE A 27 8.74 -1.19 6.64
CA ILE A 27 8.65 -1.79 5.30
C ILE A 27 7.19 -1.84 4.90
N VAL A 28 6.92 -1.27 3.73
CA VAL A 28 5.60 -1.38 3.12
C VAL A 28 5.58 -2.50 2.07
N SER A 29 4.39 -3.01 1.78
CA SER A 29 4.23 -4.07 0.80
C SER A 29 4.61 -3.65 -0.62
N GLY A 30 5.10 -4.62 -1.38
CA GLY A 30 5.29 -4.45 -2.81
C GLY A 30 6.67 -4.02 -3.21
N ASP A 31 6.85 -3.91 -4.52
CA ASP A 31 8.12 -3.52 -5.10
C ASP A 31 7.84 -2.30 -5.96
N SER A 32 8.35 -1.15 -5.51
CA SER A 32 8.12 0.13 -6.19
C SER A 32 8.70 0.19 -7.61
N ASP A 33 9.61 -0.73 -7.94
CA ASP A 33 10.12 -0.82 -9.31
C ASP A 33 9.08 -1.37 -10.27
N GLN A 34 8.15 -2.15 -9.73
CA GLN A 34 7.09 -2.79 -10.52
C GLN A 34 5.78 -2.04 -10.41
N SER A 35 5.52 -1.50 -9.20
CA SER A 35 4.21 -0.93 -8.87
C SER A 35 4.40 0.50 -8.36
N PRO A 36 4.22 1.48 -9.25
CA PRO A 36 4.56 2.88 -8.92
C PRO A 36 3.91 3.42 -7.64
N TRP A 37 2.66 3.04 -7.39
CA TRP A 37 1.96 3.53 -6.21
C TRP A 37 2.65 3.13 -4.91
N VAL A 38 3.56 2.15 -4.94
CA VAL A 38 4.30 1.74 -3.74
C VAL A 38 5.15 2.91 -3.24
N LYS A 39 5.64 3.77 -4.13
CA LYS A 39 6.36 4.97 -3.69
C LYS A 39 5.48 5.89 -2.82
N LYS A 40 4.18 5.93 -3.13
CA LYS A 40 3.22 6.73 -2.35
C LYS A 40 2.96 6.15 -0.97
N GLU A 41 2.94 4.82 -0.87
CA GLU A 41 2.81 4.18 0.45
C GLU A 41 4.08 4.34 1.30
N GLY A 43 5.87 7.00 1.07
CA GLY A 43 5.60 8.38 1.43
C GLY A 43 4.69 8.47 2.64
N ARG A 44 3.55 7.80 2.59
CA ARG A 44 2.61 7.80 3.69
C ARG A 44 3.29 7.36 5.00
N ALA A 45 4.05 6.29 4.92
CA ALA A 45 4.68 5.71 6.09
C ALA A 45 5.74 6.66 6.66
N ALA A 46 6.47 7.33 5.77
CA ALA A 46 7.53 8.24 6.18
C ALA A 46 6.91 9.44 6.91
N VAL A 47 5.82 10.00 6.37
CA VAL A 47 5.13 11.11 7.01
C VAL A 47 4.68 10.77 8.41
N ALA A 48 4.11 9.58 8.55
CA ALA A 48 3.60 9.13 9.83
C ALA A 48 4.78 8.99 10.82
N CYS A 49 5.91 8.49 10.32
CA CYS A 49 7.13 8.35 11.13
CA CYS A 49 7.14 8.36 11.12
C CYS A 49 7.64 9.75 11.55
N LYS A 51 6.02 12.40 11.98
CA LYS A 51 5.12 13.04 12.95
C LYS A 51 5.31 12.43 14.32
N LYS A 52 5.62 11.13 14.39
CA LYS A 52 5.90 10.55 15.71
C LYS A 52 7.18 11.12 16.39
N ARG A 53 8.14 11.61 15.59
CA ARG A 53 9.42 12.10 16.10
C ARG A 53 9.47 13.62 16.33
N PHE A 54 8.48 14.38 15.82
CA PHE A 54 8.54 15.84 16.00
C PHE A 54 8.59 16.24 17.47
N SER A 55 9.45 17.22 17.78
CA SER A 55 9.38 17.90 19.10
C SER A 55 8.50 19.17 18.96
N GLY A 56 8.51 20.00 20.00
CA GLY A 56 7.66 21.19 20.00
C GLY A 56 8.04 22.10 18.87
N LYS A 57 9.35 22.11 18.59
CA LYS A 57 9.90 22.93 17.50
C LYS A 57 10.85 22.09 16.65
N ASN A 58 10.80 22.29 15.33
CA ASN A 58 11.46 21.37 14.41
C ASN A 58 12.05 22.13 13.23
N ILE A 59 13.27 21.78 12.87
CA ILE A 59 13.88 22.25 11.62
C ILE A 59 14.15 21.00 10.82
N VAL A 60 13.49 20.84 9.68
CA VAL A 60 13.54 19.58 8.94
C VAL A 60 14.29 19.78 7.64
N ALA A 61 15.44 19.13 7.50
CA ALA A 61 16.23 19.24 6.27
C ALA A 61 15.81 18.12 5.32
N VAL A 62 15.65 18.42 4.04
CA VAL A 62 15.20 17.43 3.07
C VAL A 62 16.06 17.42 1.80
N THR A 63 16.16 16.24 1.18
CA THR A 63 16.80 16.09 -0.16
C THR A 63 15.75 16.16 -1.27
N GLY A 64 16.20 16.09 -2.54
CA GLY A 64 15.33 16.46 -3.66
C GLY A 64 14.89 15.40 -4.65
N GLY A 65 15.13 14.13 -4.33
CA GLY A 65 14.82 13.04 -5.27
C GLY A 65 13.37 12.65 -5.36
N THR A 66 13.02 11.75 -6.28
CA THR A 66 11.60 11.44 -6.50
C THR A 66 10.91 10.71 -5.36
N THR A 67 11.67 10.04 -4.50
CA THR A 67 11.00 9.36 -3.41
C THR A 67 10.68 10.37 -2.33
N ILE A 68 11.59 11.31 -2.08
CA ILE A 68 11.26 12.39 -1.13
C ILE A 68 10.11 13.26 -1.67
N GLU A 69 10.01 13.41 -2.99
CA GLU A 69 8.86 14.11 -3.56
C GLU A 69 7.54 13.41 -3.15
N ALA A 70 7.59 12.09 -3.12
CA ALA A 70 6.42 11.28 -2.76
C ALA A 70 6.09 11.51 -1.27
N VAL A 71 7.12 11.75 -0.45
CA VAL A 71 6.88 12.06 0.96
C VAL A 71 6.17 13.43 1.05
N ALA A 72 6.66 14.41 0.31
CA ALA A 72 6.03 15.73 0.27
C ALA A 72 4.57 15.66 -0.18
N GLU A 73 4.28 14.87 -1.20
CA GLU A 73 2.92 14.75 -1.72
C GLU A 73 1.95 14.18 -0.68
N THR A 76 0.67 16.02 5.39
CA THR A 76 -0.53 16.68 5.89
C THR A 76 -0.15 17.48 7.13
N PRO A 77 -0.95 18.51 7.47
CA PRO A 77 -0.71 19.28 8.69
C PRO A 77 -0.63 18.41 9.94
N ASP A 78 0.15 18.87 10.90
CA ASP A 78 0.37 18.13 12.15
C ASP A 78 -0.84 18.28 13.10
N SER A 79 -1.48 17.17 13.45
CA SER A 79 -2.58 17.20 14.41
C SER A 79 -2.20 17.91 15.72
N LYS A 80 -0.94 17.78 16.15
CA LYS A 80 -0.46 18.41 17.37
C LYS A 80 -0.02 19.86 17.19
N ASN A 81 -0.06 20.35 15.94
CA ASN A 81 0.34 21.72 15.61
C ASN A 81 1.72 22.13 16.16
N ARG A 82 2.69 21.23 16.00
CA ARG A 82 4.05 21.56 16.42
C ARG A 82 4.66 22.51 15.42
N GLU A 83 5.70 23.24 15.81
CA GLU A 83 6.30 24.24 14.89
C GLU A 83 7.22 23.55 13.91
N LEU A 84 7.06 23.82 12.60
CA LEU A 84 7.73 23.08 11.52
C LEU A 84 8.39 24.06 10.52
N LEU A 85 9.70 24.09 10.46
CA LEU A 85 10.39 24.90 9.42
C LEU A 85 11.16 23.92 8.57
N PHE A 86 11.00 23.99 7.25
CA PHE A 86 11.67 23.05 6.33
C PHE A 86 12.80 23.78 5.60
N VAL A 87 13.90 23.09 5.35
CA VAL A 87 15.02 23.61 4.55
C VAL A 87 15.57 22.51 3.66
N PRO A 88 16.18 22.86 2.53
CA PRO A 88 16.93 21.88 1.73
C PRO A 88 18.19 21.45 2.50
N ALA A 89 18.58 20.19 2.42
CA ALA A 89 19.81 19.76 3.13
C ALA A 89 21.06 20.29 2.44
N ARG A 90 20.99 20.57 1.14
CA ARG A 90 22.21 20.97 0.40
C ARG A 90 21.85 21.69 -0.88
N GLY A 91 22.82 22.38 -1.47
CA GLY A 91 22.65 22.89 -2.82
C GLY A 91 23.92 22.68 -3.60
N GLY A 92 23.81 22.33 -4.88
CA GLY A 92 24.99 22.04 -5.69
C GLY A 92 25.60 23.34 -6.15
N LEU A 93 26.91 23.30 -6.42
CA LEU A 93 27.58 24.42 -7.07
C LEU A 93 28.04 24.01 -8.45
N GLY A 94 28.57 24.96 -9.22
CA GLY A 94 29.01 24.72 -10.59
C GLY A 94 27.88 24.26 -11.50
N LYS A 98 19.32 24.33 -11.18
CA LYS A 98 18.12 24.11 -10.40
C LYS A 98 18.45 23.33 -9.12
N ASN A 99 17.92 23.79 -7.97
CA ASN A 99 18.06 22.95 -6.74
C ASN A 99 16.60 22.38 -6.57
N GLN A 100 16.66 20.92 -6.64
CA GLN A 100 15.44 20.14 -6.57
C GLN A 100 15.03 19.97 -5.11
N ALA A 101 15.97 20.05 -4.20
CA ALA A 101 15.61 20.08 -2.78
C ALA A 101 14.78 21.34 -2.40
N ASN A 102 15.07 22.47 -3.06
CA ASN A 102 14.31 23.66 -2.83
C ASN A 102 12.82 23.44 -3.16
N THR A 103 12.55 22.83 -4.31
CA THR A 103 11.18 22.53 -4.73
C THR A 103 10.45 21.66 -3.73
N ILE A 104 11.11 20.58 -3.33
CA ILE A 104 10.57 19.62 -2.36
C ILE A 104 10.31 20.30 -1.01
N CYS A 105 11.26 21.09 -0.56
CA CYS A 105 11.10 21.66 0.78
CA CYS A 105 11.20 21.77 0.72
C CYS A 105 9.95 22.66 0.79
N ALA A 106 9.79 23.48 -0.26
CA ALA A 106 8.61 24.34 -0.35
C ALA A 106 7.29 23.57 -0.43
N HIS A 107 7.26 22.48 -1.18
CA HIS A 107 6.03 21.68 -1.34
C HIS A 107 5.68 21.02 -0.03
N ALA A 109 6.45 22.05 2.94
CA ALA A 109 6.06 23.06 3.93
C ALA A 109 4.64 23.54 3.72
N GLU A 110 4.30 23.80 2.46
CA GLU A 110 2.94 24.14 2.11
C GLU A 110 1.98 23.02 2.53
N LYS A 111 2.35 21.76 2.27
CA LYS A 111 1.46 20.65 2.64
C LYS A 111 1.30 20.49 4.16
N ALA A 112 2.35 20.84 4.91
CA ALA A 112 2.33 20.75 6.39
C ALA A 112 1.82 22.02 7.08
N SER A 113 1.54 23.07 6.30
CA SER A 113 1.24 24.40 6.86
C SER A 113 2.39 24.86 7.77
N GLY A 114 3.62 24.56 7.34
CA GLY A 114 4.80 25.04 8.01
C GLY A 114 5.40 26.21 7.24
N THR A 115 6.63 26.56 7.61
CA THR A 115 7.40 27.58 6.92
C THR A 115 8.62 26.90 6.31
N TYR A 116 9.31 27.63 5.46
CA TYR A 116 10.53 27.12 4.85
C TYR A 116 11.51 28.25 4.51
N ARG A 117 12.77 27.85 4.34
CA ARG A 117 13.81 28.73 3.82
CA ARG A 117 13.79 28.74 3.79
C ARG A 117 14.63 27.99 2.77
N LEU A 118 14.80 28.61 1.62
CA LEU A 118 15.46 27.96 0.49
C LEU A 118 16.91 28.42 0.36
N LEU A 119 17.72 27.62 -0.34
CA LEU A 119 19.10 27.99 -0.66
C LEU A 119 19.17 28.73 -1.96
N PHE A 120 20.05 29.73 -2.02
CA PHE A 120 20.42 30.36 -3.28
C PHE A 120 20.79 29.36 -4.40
N VAL A 121 20.53 29.80 -5.62
CA VAL A 121 20.74 28.99 -6.80
C VAL A 121 21.61 29.84 -7.72
N PRO A 122 22.93 29.68 -7.61
CA PRO A 122 23.86 30.50 -8.33
C PRO A 122 24.11 30.01 -9.76
N GLY A 123 24.57 30.92 -10.63
CA GLY A 123 25.16 30.51 -11.90
C GLY A 123 26.53 29.90 -11.68
N GLN A 124 27.20 29.59 -12.79
CA GLN A 124 28.56 29.05 -12.76
C GLN A 124 29.54 30.17 -12.43
N LEU A 125 30.23 30.04 -11.30
CA LEU A 125 31.19 31.04 -10.84
C LEU A 125 32.48 30.40 -10.37
N SER A 126 33.50 31.24 -10.15
CA SER A 126 34.76 30.77 -9.59
C SER A 126 34.59 30.36 -8.13
N GLN A 127 35.51 29.53 -7.65
CA GLN A 127 35.55 29.17 -6.24
C GLN A 127 35.62 30.39 -5.32
N GLY A 128 36.40 31.39 -5.71
CA GLY A 128 36.52 32.59 -4.89
C GLY A 128 35.19 33.30 -4.73
N ALA A 129 34.41 33.33 -5.81
CA ALA A 129 33.08 33.94 -5.79
C ALA A 129 32.18 33.12 -4.86
N TYR A 130 32.24 31.80 -4.97
CA TYR A 130 31.41 30.98 -4.09
C TYR A 130 31.80 31.20 -2.62
N SER A 131 33.10 31.27 -2.36
CA SER A 131 33.56 31.47 -0.98
C SER A 131 33.09 32.79 -0.43
N SER A 132 33.05 33.81 -1.29
CA SER A 132 32.52 35.10 -0.86
C SER A 132 31.02 35.05 -0.61
N ILE A 133 30.29 34.35 -1.49
CA ILE A 133 28.84 34.24 -1.35
C ILE A 133 28.40 33.55 -0.06
N ILE A 134 29.05 32.46 0.34
CA ILE A 134 28.63 31.65 1.51
CA ILE A 134 28.58 31.70 1.51
C ILE A 134 28.83 32.42 2.82
N GLU A 135 29.63 33.49 2.77
CA GLU A 135 29.90 34.30 3.98
C GLU A 135 28.96 35.51 4.04
N GLU A 136 28.19 35.72 2.97
CA GLU A 136 27.18 36.78 2.96
CA GLU A 136 27.22 36.78 2.96
C GLU A 136 26.21 36.52 4.11
N PRO A 137 25.99 37.53 4.98
CA PRO A 137 25.05 37.36 6.11
C PRO A 137 23.72 36.64 5.77
N SER A 138 23.09 37.02 4.65
CA SER A 138 21.81 36.40 4.26
C SER A 138 21.93 34.91 3.94
N VAL A 139 23.00 34.54 3.23
CA VAL A 139 23.25 33.13 2.88
C VAL A 139 23.68 32.34 4.11
N LYS A 140 24.58 32.94 4.88
CA LYS A 140 25.10 32.30 6.08
C LYS A 140 23.96 31.93 7.03
N GLU A 141 22.94 32.80 7.12
CA GLU A 141 21.79 32.55 7.98
C GLU A 141 21.05 31.27 7.60
N VAL A 142 20.86 31.04 6.29
CA VAL A 142 20.24 29.78 5.86
C VAL A 142 21.15 28.57 6.12
N LEU A 143 22.44 28.71 5.85
CA LEU A 143 23.36 27.61 6.18
C LEU A 143 23.42 27.27 7.67
N ASN A 144 23.34 28.27 8.53
CA ASN A 144 23.33 28.01 9.97
C ASN A 144 22.03 27.33 10.38
N THR A 145 20.95 27.62 9.65
CA THR A 145 19.67 26.97 9.95
C THR A 145 19.76 25.50 9.61
N ILE A 146 20.32 25.20 8.42
CA ILE A 146 20.57 23.83 8.05
C ILE A 146 21.45 23.12 9.08
N LYS A 147 22.48 23.80 9.59
CA LYS A 147 23.34 23.19 10.63
C LYS A 147 22.56 22.87 11.90
N SER A 148 21.47 23.60 12.13
CA SER A 148 20.65 23.40 13.33
CA SER A 148 20.65 23.41 13.33
C SER A 148 19.52 22.40 13.12
N ALA A 149 19.47 21.76 11.96
CA ALA A 149 18.41 20.78 11.69
C ALA A 149 18.18 19.75 12.82
N SER A 150 16.91 19.59 13.18
CA SER A 150 16.51 18.58 14.13
C SER A 150 16.15 17.26 13.47
N LEU A 152 16.54 15.08 9.49
CA LEU A 152 16.94 14.99 8.06
C LEU A 152 16.10 13.91 7.40
N VAL A 153 15.53 14.21 6.23
CA VAL A 153 14.75 13.21 5.47
C VAL A 153 15.43 13.13 4.14
N HIS A 154 15.97 11.97 3.83
CA HIS A 154 16.79 11.84 2.61
C HIS A 154 16.54 10.54 1.82
N GLY A 155 16.90 10.56 0.55
CA GLY A 155 16.81 9.34 -0.28
C GLY A 155 18.16 8.63 -0.32
N ILE A 156 18.14 7.45 -0.95
CA ILE A 156 19.35 6.68 -1.20
C ILE A 156 19.25 6.24 -2.65
N GLY A 157 20.31 6.49 -3.40
CA GLY A 157 20.32 6.16 -4.83
C GLY A 157 21.46 5.23 -5.23
N GLU A 158 21.31 4.59 -6.40
CA GLU A 158 22.44 3.91 -7.07
C GLU A 158 23.46 4.95 -7.52
N ALA A 159 24.76 4.71 -7.28
CA ALA A 159 25.76 5.73 -7.61
C ALA A 159 25.83 6.10 -9.09
N LYS A 160 25.90 5.09 -9.95
CA LYS A 160 26.07 5.37 -11.38
C LYS A 160 24.87 6.16 -11.92
N THR A 161 23.68 5.79 -11.47
CA THR A 161 22.43 6.43 -11.89
C THR A 161 22.43 7.91 -11.49
N ALA A 163 25.11 9.81 -10.67
CA ALA A 163 26.20 10.56 -11.29
C ALA A 163 25.92 10.90 -12.77
N GLN A 164 25.29 9.96 -13.48
CA GLN A 164 24.89 10.20 -14.87
C GLN A 164 23.76 11.21 -14.99
N ARG A 165 22.78 11.13 -14.08
CA ARG A 165 21.61 12.03 -14.09
C ARG A 165 22.03 13.51 -13.94
N ARG A 166 23.02 13.74 -13.05
CA ARG A 166 23.62 15.04 -12.82
C ARG A 166 24.55 15.39 -14.01
N ASN A 167 25.16 16.52 -13.80
CA ASN A 167 26.05 16.86 -14.91
C ASN A 167 27.51 16.62 -14.52
N THR A 168 27.77 15.49 -14.05
CA THR A 168 29.05 15.15 -13.45
C THR A 168 30.23 15.21 -14.43
N PRO A 169 31.28 16.01 -14.08
CA PRO A 169 32.50 16.16 -14.88
C PRO A 169 33.10 14.78 -15.18
N LEU A 170 33.67 14.63 -16.36
CA LEU A 170 34.28 13.38 -16.77
C LEU A 170 35.39 12.93 -15.82
N GLU A 171 36.23 13.87 -15.36
CA GLU A 171 37.19 13.54 -14.28
C GLU A 171 36.54 12.89 -13.03
N ASP A 172 35.38 13.38 -12.62
CA ASP A 172 34.75 12.83 -11.41
C ASP A 172 34.02 11.54 -11.69
N LEU A 173 33.51 11.38 -12.92
CA LEU A 173 32.91 10.09 -13.29
C LEU A 173 33.96 8.96 -13.16
N LYS A 174 35.19 9.25 -13.62
CA LYS A 174 36.27 8.26 -13.60
C LYS A 174 36.65 7.95 -12.17
N LYS A 175 36.71 8.98 -11.33
CA LYS A 175 36.97 8.82 -9.89
C LYS A 175 35.89 7.95 -9.28
N ILE A 176 34.64 8.21 -9.63
CA ILE A 176 33.51 7.46 -9.03
C ILE A 176 33.52 5.98 -9.42
N ASP A 177 33.82 5.73 -10.69
CA ASP A 177 33.94 4.38 -11.23
C ASP A 177 35.17 3.65 -10.67
N ASP A 178 36.30 4.33 -10.65
CA ASP A 178 37.56 3.71 -10.28
C ASP A 178 37.60 3.36 -8.81
N ASN A 179 36.81 4.06 -8.00
CA ASN A 179 36.74 3.80 -6.56
C ASN A 179 35.52 2.97 -6.17
N ASP A 180 34.87 2.42 -7.19
CA ASP A 180 33.81 1.42 -6.99
C ASP A 180 32.67 1.98 -6.15
N ALA A 181 32.21 3.19 -6.47
CA ALA A 181 31.05 3.73 -5.75
C ALA A 181 29.85 2.87 -6.12
N VAL A 182 29.01 2.59 -5.13
CA VAL A 182 27.79 1.84 -5.42
C VAL A 182 26.50 2.57 -4.97
N THR A 183 26.62 3.48 -3.99
CA THR A 183 25.44 4.13 -3.42
C THR A 183 25.69 5.64 -3.33
N GLU A 184 24.60 6.39 -3.28
CA GLU A 184 24.64 7.84 -3.16
C GLU A 184 23.61 8.29 -2.12
N ALA A 185 23.98 9.27 -1.29
CA ALA A 185 23.02 9.90 -0.40
C ALA A 185 23.54 11.32 -0.07
N PHE A 186 22.61 12.28 -0.15
CA PHE A 186 22.81 13.69 0.19
C PHE A 186 24.15 14.19 -0.30
N GLY A 187 24.44 13.89 -1.56
CA GLY A 187 25.57 14.55 -2.22
C GLY A 187 26.88 13.85 -2.02
N TYR A 188 26.85 12.65 -1.46
CA TYR A 188 28.05 11.83 -1.26
C TYR A 188 27.91 10.51 -1.98
N TYR A 189 29.03 9.97 -2.48
CA TYR A 189 29.01 8.62 -3.12
C TYR A 189 29.84 7.75 -2.22
N PHE A 190 29.35 6.53 -1.99
CA PHE A 190 29.98 5.57 -1.07
C PHE A 190 30.25 4.26 -1.74
N ASN A 191 31.27 3.54 -1.27
CA ASN A 191 31.58 2.25 -1.81
C ASN A 191 30.77 1.17 -1.09
N ALA A 192 31.03 -0.08 -1.44
CA ALA A 192 30.28 -1.22 -0.87
C ALA A 192 30.42 -1.41 0.65
N ASP A 193 31.48 -0.85 1.21
CA ASP A 193 31.67 -0.83 2.65
C ASP A 193 31.12 0.41 3.31
N GLY A 194 30.40 1.25 2.55
CA GLY A 194 29.78 2.47 3.09
C GLY A 194 30.76 3.62 3.38
N GLU A 195 31.96 3.53 2.81
CA GLU A 195 32.96 4.60 2.93
C GLU A 195 32.81 5.66 1.82
N VAL A 196 32.89 6.94 2.18
CA VAL A 196 32.83 8.00 1.18
C VAL A 196 33.95 7.82 0.16
N VAL A 197 33.60 7.85 -1.14
CA VAL A 197 34.62 7.87 -2.16
C VAL A 197 34.68 9.15 -2.99
N HIS A 198 33.59 9.92 -2.97
CA HIS A 198 33.53 11.18 -3.65
C HIS A 198 32.38 12.00 -3.06
N LYS A 199 32.57 13.31 -3.01
CA LYS A 199 31.55 14.25 -2.55
C LYS A 199 31.28 15.31 -3.64
N VAL A 200 30.01 15.53 -3.96
CA VAL A 200 29.60 16.59 -4.88
C VAL A 200 29.95 17.96 -4.32
N HIS A 201 30.47 18.86 -5.16
CA HIS A 201 30.73 20.22 -4.75
C HIS A 201 29.41 20.91 -4.41
N SER A 202 29.20 21.17 -3.11
CA SER A 202 27.89 21.59 -2.56
C SER A 202 28.09 22.57 -1.40
N VAL A 203 26.98 23.23 -1.02
CA VAL A 203 26.90 23.96 0.24
C VAL A 203 25.85 23.25 1.07
N GLY A 204 25.89 23.47 2.38
CA GLY A 204 24.94 22.89 3.30
C GLY A 204 25.54 21.72 4.03
N GLN A 206 27.02 18.43 5.65
CA GLN A 206 28.15 17.56 5.46
C GLN A 206 27.92 16.24 6.22
N LEU A 207 28.57 15.17 5.78
CA LEU A 207 28.40 13.87 6.42
C LEU A 207 28.68 13.93 7.91
N ASP A 208 29.70 14.70 8.31
CA ASP A 208 29.97 14.79 9.75
C ASP A 208 28.82 15.41 10.54
N ASP A 209 27.99 16.23 9.88
CA ASP A 209 26.87 16.92 10.55
C ASP A 209 25.73 15.99 10.95
N ILE A 210 25.59 14.84 10.29
CA ILE A 210 24.41 13.96 10.57
C ILE A 210 24.40 13.37 11.99
N ASP A 211 25.61 13.20 12.53
CA ASP A 211 25.82 12.72 13.88
CA ASP A 211 25.78 12.69 13.88
C ASP A 211 25.00 13.52 14.90
N ALA A 212 24.96 14.84 14.71
CA ALA A 212 24.28 15.74 15.65
C ALA A 212 22.78 15.93 15.40
N ILE A 213 22.25 15.33 14.35
CA ILE A 213 20.81 15.43 14.06
C ILE A 213 20.07 14.34 14.81
N PRO A 214 19.13 14.70 15.71
CA PRO A 214 18.44 13.68 16.49
C PRO A 214 17.70 12.60 15.72
N ASP A 215 17.03 13.00 14.63
CA ASP A 215 16.18 12.09 13.83
C ASP A 215 16.53 12.11 12.37
N ILE A 216 16.90 10.97 11.84
CA ILE A 216 17.20 10.87 10.40
C ILE A 216 16.33 9.77 9.86
N ILE A 217 15.66 10.05 8.76
CA ILE A 217 14.75 9.08 8.14
C ILE A 217 15.19 8.99 6.69
N ALA A 218 15.60 7.81 6.27
CA ALA A 218 15.95 7.52 4.88
C ALA A 218 14.75 6.85 4.25
N VAL A 219 14.38 7.29 3.06
CA VAL A 219 13.19 6.71 2.39
C VAL A 219 13.65 6.24 1.03
N ALA A 220 13.64 4.93 0.82
CA ALA A 220 14.24 4.36 -0.38
C ALA A 220 13.80 2.95 -0.53
N GLY A 221 13.43 2.56 -1.76
CA GLY A 221 12.97 1.19 -1.97
C GLY A 221 13.06 0.79 -3.43
N GLY A 222 12.45 -0.35 -3.74
CA GLY A 222 12.56 -0.96 -5.08
C GLY A 222 13.69 -1.98 -5.13
N SER A 223 13.47 -3.08 -5.82
CA SER A 223 14.50 -4.13 -5.92
C SER A 223 15.84 -3.63 -6.50
N SER A 224 15.79 -2.64 -7.40
CA SER A 224 17.04 -2.11 -7.99
C SER A 224 17.94 -1.38 -6.99
N LYS A 225 17.40 -1.02 -5.82
CA LYS A 225 18.18 -0.30 -4.84
C LYS A 225 18.69 -1.15 -3.72
N ALA A 226 18.44 -2.47 -3.76
CA ALA A 226 18.83 -3.33 -2.64
C ALA A 226 20.31 -3.18 -2.32
N GLU A 227 21.16 -3.27 -3.35
CA GLU A 227 22.63 -3.17 -3.16
C GLU A 227 23.06 -1.79 -2.61
N ALA A 228 22.51 -0.71 -3.16
CA ALA A 228 22.80 0.63 -2.65
C ALA A 228 22.40 0.81 -1.18
N ILE A 229 21.23 0.26 -0.83
CA ILE A 229 20.71 0.41 0.51
C ILE A 229 21.58 -0.38 1.47
N GLU A 230 21.91 -1.62 1.10
CA GLU A 230 22.83 -2.43 1.91
C GLU A 230 24.19 -1.71 2.13
N ALA A 231 24.74 -1.13 1.08
CA ALA A 231 26.07 -0.47 1.17
C ALA A 231 26.01 0.74 2.09
N TYR A 232 24.99 1.57 1.91
CA TYR A 232 24.86 2.79 2.69
C TYR A 232 24.85 2.45 4.18
N PHE A 233 24.16 1.37 4.54
CA PHE A 233 24.02 1.02 5.97
C PHE A 233 25.04 0.01 6.48
N LYS A 234 26.16 -0.10 5.75
CA LYS A 234 27.32 -0.86 6.24
C LYS A 234 28.00 -0.18 7.41
N LYS A 235 27.74 1.11 7.58
CA LYS A 235 28.18 1.87 8.75
C LYS A 235 26.97 2.36 9.56
N PRO A 236 27.11 2.55 10.89
CA PRO A 236 26.03 3.12 11.67
C PRO A 236 25.68 4.54 11.24
N ARG A 237 24.40 4.79 11.06
CA ARG A 237 23.92 6.10 10.65
C ARG A 237 22.84 6.61 11.59
N ASN A 238 22.48 5.79 12.60
CA ASN A 238 21.43 6.12 13.58
C ASN A 238 20.14 6.53 12.85
N THR A 239 19.82 5.82 11.78
CA THR A 239 18.75 6.21 10.86
C THR A 239 17.58 5.23 10.87
N VAL A 240 16.35 5.73 10.67
CA VAL A 240 15.20 4.84 10.51
C VAL A 240 15.04 4.71 8.99
N LEU A 241 14.97 3.48 8.48
CA LEU A 241 14.75 3.31 7.05
C LEU A 241 13.29 2.97 6.74
N VAL A 242 12.72 3.74 5.82
CA VAL A 242 11.39 3.44 5.27
C VAL A 242 11.62 2.86 3.89
N THR A 243 11.23 1.60 3.73
CA THR A 243 11.55 0.91 2.46
C THR A 243 10.35 0.02 2.07
N ASP A 244 10.54 -0.84 1.05
CA ASP A 244 9.46 -1.71 0.59
C ASP A 244 9.95 -3.14 0.51
N GLU A 245 9.03 -4.09 0.29
CA GLU A 245 9.42 -5.48 0.14
C GLU A 245 10.36 -5.72 -1.03
N GLY A 246 10.17 -4.95 -2.10
CA GLY A 246 11.06 -5.03 -3.26
C GLY A 246 12.49 -5.07 -2.79
N ALA A 247 12.88 -4.02 -2.07
CA ALA A 247 14.26 -3.90 -1.61
C ALA A 247 14.57 -4.87 -0.48
N ALA A 248 13.70 -4.94 0.53
CA ALA A 248 13.98 -5.74 1.74
C ALA A 248 14.14 -7.24 1.47
N LYS A 249 13.26 -7.82 0.64
CA LYS A 249 13.32 -9.25 0.33
C LYS A 249 14.49 -9.61 -0.56
N LYS A 250 14.81 -8.71 -1.50
CA LYS A 250 15.97 -8.92 -2.35
C LYS A 250 17.25 -8.87 -1.53
N LEU A 251 17.30 -7.97 -0.54
CA LEU A 251 18.47 -7.83 0.32
C LEU A 251 18.60 -9.08 1.21
N LEU A 252 17.49 -9.54 1.79
CA LEU A 252 17.51 -10.59 2.81
C LEU A 252 17.44 -12.00 2.24
N ARG A 253 17.20 -12.13 0.92
CA ARG A 253 17.06 -13.45 0.27
C ARG A 253 17.22 -13.33 -1.27
N ALA B 3 5.08 -0.09 9.98
CA ALA B 3 4.14 0.62 9.04
C ALA B 3 2.73 0.74 9.61
N LYS B 4 2.05 -0.39 9.82
CA LYS B 4 0.70 -0.32 10.39
C LYS B 4 0.68 0.37 11.78
N ASP B 5 1.72 0.12 12.56
CA ASP B 5 1.94 0.80 13.84
C ASP B 5 1.91 2.33 13.67
N VAL B 6 2.82 2.87 12.85
CA VAL B 6 2.93 4.34 12.69
C VAL B 6 1.68 4.97 12.06
N LEU B 7 1.06 4.22 11.14
CA LEU B 7 -0.17 4.68 10.47
C LEU B 7 -1.43 4.54 11.33
N GLY B 8 -1.32 3.90 12.50
CA GLY B 8 -2.44 3.72 13.43
C GLY B 8 -3.36 2.58 13.04
N LEU B 9 -2.94 1.81 12.04
CA LEU B 9 -3.78 0.77 11.46
C LEU B 9 -3.92 -0.41 12.40
N THR B 10 -2.89 -0.68 13.18
CA THR B 10 -2.93 -1.83 14.10
C THR B 10 -4.07 -1.63 15.10
N LEU B 11 -4.19 -0.41 15.65
CA LEU B 11 -5.28 -0.11 16.58
C LEU B 11 -6.63 -0.05 15.87
N LEU B 12 -6.65 0.44 14.63
CA LEU B 12 -7.89 0.55 13.88
C LEU B 12 -8.51 -0.83 13.67
N GLU B 13 -7.65 -1.80 13.36
CA GLU B 13 -8.05 -3.19 13.08
C GLU B 13 -8.68 -3.85 14.31
N LYS B 14 -8.10 -3.62 15.48
CA LYS B 14 -8.62 -4.18 16.72
C LYS B 14 -10.01 -3.59 17.03
N THR B 15 -10.15 -2.28 16.77
CA THR B 15 -11.41 -1.58 17.01
C THR B 15 -12.45 -2.13 16.04
N LEU B 16 -12.07 -2.25 14.76
CA LEU B 16 -13.00 -2.76 13.76
C LEU B 16 -13.43 -4.21 14.04
N LYS B 17 -12.44 -5.06 14.33
CA LYS B 17 -12.72 -6.48 14.63
C LYS B 17 -13.74 -6.61 15.75
N GLU B 18 -13.59 -5.78 16.77
CA GLU B 18 -14.49 -5.82 17.92
C GLU B 18 -15.90 -5.35 17.55
N ARG B 19 -15.96 -4.22 16.85
CA ARG B 19 -17.24 -3.60 16.44
C ARG B 19 -18.09 -4.55 15.62
N LEU B 20 -17.46 -5.25 14.67
CA LEU B 20 -18.21 -6.12 13.72
C LEU B 20 -18.25 -7.62 14.03
N ASN B 21 -17.59 -8.04 15.12
CA ASN B 21 -17.57 -9.46 15.53
CA ASN B 21 -17.53 -9.43 15.55
C ASN B 21 -16.90 -10.37 14.48
N LEU B 22 -15.76 -9.91 13.97
CA LEU B 22 -15.07 -10.58 12.89
C LEU B 22 -14.12 -11.60 13.44
N LYS B 23 -13.76 -12.59 12.62
CA LYS B 23 -12.72 -13.53 13.00
C LYS B 23 -11.39 -12.77 13.02
N ASP B 24 -11.20 -11.88 12.05
CA ASP B 24 -10.05 -10.97 12.00
C ASP B 24 -10.39 -9.80 11.09
N ALA B 25 -9.77 -8.65 11.33
CA ALA B 25 -9.84 -7.53 10.38
C ALA B 25 -8.44 -7.16 9.93
N ILE B 26 -8.30 -6.95 8.63
CA ILE B 26 -7.06 -6.48 8.02
C ILE B 26 -7.42 -5.19 7.29
N ILE B 27 -6.76 -4.09 7.66
CA ILE B 27 -7.06 -2.78 7.08
C ILE B 27 -5.81 -2.20 6.40
N VAL B 28 -5.96 -1.76 5.15
CA VAL B 28 -4.88 -1.05 4.43
C VAL B 28 -5.00 0.52 4.46
N SER B 29 -3.89 1.24 4.17
CA SER B 29 -3.88 2.71 4.28
C SER B 29 -4.77 3.42 3.22
N GLY B 30 -5.47 4.56 3.53
CA GLY B 30 -6.10 5.39 2.56
C GLY B 30 -7.55 4.94 2.21
N ASP B 31 -8.14 5.59 1.21
CA ASP B 31 -9.57 5.43 0.85
C ASP B 31 -9.71 5.13 -0.64
N SER B 32 -10.11 3.91 -0.95
CA SER B 32 -10.18 3.44 -2.34
C SER B 32 -11.13 4.26 -3.22
N ASP B 33 -12.01 5.11 -2.58
CA ASP B 33 -12.85 6.06 -3.35
C ASP B 33 -12.14 7.31 -3.93
N GLN B 34 -11.01 7.69 -3.31
CA GLN B 34 -10.21 8.84 -3.76
C GLN B 34 -8.95 8.33 -4.47
N SER B 35 -8.41 7.23 -3.92
CA SER B 35 -7.14 6.66 -4.34
C SER B 35 -7.29 5.26 -4.95
N PRO B 36 -7.46 5.16 -6.28
CA PRO B 36 -7.65 3.83 -6.90
C PRO B 36 -6.65 2.72 -6.48
N TRP B 37 -5.35 3.07 -6.29
CA TRP B 37 -4.36 2.04 -5.93
C TRP B 37 -4.70 1.30 -4.63
N VAL B 38 -5.56 1.88 -3.81
CA VAL B 38 -5.85 1.25 -2.51
C VAL B 38 -6.61 -0.07 -2.68
N LYS B 39 -7.40 -0.16 -3.74
CA LYS B 39 -8.07 -1.41 -4.06
C LYS B 39 -7.07 -2.53 -4.37
N LYS B 40 -5.95 -2.16 -5.01
CA LYS B 40 -4.86 -3.08 -5.29
C LYS B 40 -4.23 -3.58 -4.00
N GLU B 41 -4.06 -2.69 -3.02
CA GLU B 41 -3.51 -3.09 -1.73
C GLU B 41 -4.45 -4.00 -0.91
N GLY B 43 -6.41 -6.04 -2.50
CA GLY B 43 -6.14 -7.29 -3.24
C GLY B 43 -4.96 -8.05 -2.66
N ARG B 44 -3.85 -7.34 -2.48
CA ARG B 44 -2.63 -7.95 -2.00
C ARG B 44 -2.81 -8.57 -0.61
N ALA B 45 -3.47 -7.84 0.27
CA ALA B 45 -3.66 -8.30 1.63
C ALA B 45 -4.56 -9.51 1.65
N ALA B 46 -5.59 -9.50 0.78
CA ALA B 46 -6.52 -10.64 0.69
C ALA B 46 -5.76 -11.88 0.24
N VAL B 47 -4.88 -11.73 -0.76
CA VAL B 47 -4.08 -12.85 -1.24
C VAL B 47 -3.26 -13.46 -0.10
N ALA B 48 -2.57 -12.62 0.68
CA ALA B 48 -1.77 -13.08 1.79
C ALA B 48 -2.62 -13.85 2.78
N CYS B 49 -3.80 -13.29 3.04
CA CYS B 49 -4.77 -13.91 3.93
CA CYS B 49 -4.76 -13.90 3.93
C CYS B 49 -5.16 -15.30 3.44
N LYS B 51 -3.46 -17.29 1.34
CA LYS B 51 -2.32 -18.19 1.46
C LYS B 51 -2.03 -18.66 2.89
N LYS B 52 -2.32 -17.82 3.87
CA LYS B 52 -2.14 -18.19 5.27
C LYS B 52 -3.08 -19.32 5.66
N ARG B 53 -4.21 -19.41 4.98
CA ARG B 53 -5.28 -20.34 5.38
CA ARG B 53 -5.29 -20.33 5.37
C ARG B 53 -5.43 -21.56 4.47
N PHE B 54 -4.65 -21.61 3.38
CA PHE B 54 -4.69 -22.73 2.45
C PHE B 54 -4.26 -24.00 3.18
N SER B 55 -4.96 -25.09 2.89
CA SER B 55 -4.54 -26.43 3.22
C SER B 55 -3.70 -27.04 2.07
N GLY B 56 -3.43 -28.34 2.16
CA GLY B 56 -2.68 -29.01 1.11
C GLY B 56 -3.46 -29.06 -0.21
N LYS B 57 -4.78 -29.19 -0.09
CA LYS B 57 -5.66 -29.29 -1.22
C LYS B 57 -6.78 -28.29 -0.93
N ASN B 58 -7.21 -27.53 -1.94
CA ASN B 58 -8.14 -26.42 -1.73
C ASN B 58 -9.17 -26.31 -2.83
N ILE B 59 -10.42 -26.04 -2.46
CA ILE B 59 -11.48 -25.68 -3.41
C ILE B 59 -11.98 -24.31 -2.99
N VAL B 60 -11.63 -23.30 -3.79
CA VAL B 60 -11.83 -21.91 -3.43
C VAL B 60 -12.99 -21.38 -4.23
N ALA B 61 -14.09 -21.03 -3.56
CA ALA B 61 -15.23 -20.39 -4.22
C ALA B 61 -15.01 -18.90 -4.28
N VAL B 62 -15.34 -18.29 -5.42
CA VAL B 62 -14.97 -16.91 -5.68
C VAL B 62 -16.23 -16.22 -6.20
N THR B 63 -16.44 -14.99 -5.76
CA THR B 63 -17.46 -14.14 -6.37
C THR B 63 -16.83 -13.20 -7.39
N GLY B 64 -17.69 -12.40 -8.00
CA GLY B 64 -17.27 -11.38 -8.96
C GLY B 64 -17.12 -10.00 -8.37
N GLY B 65 -17.18 -9.01 -9.25
CA GLY B 65 -17.02 -7.62 -8.85
C GLY B 65 -15.60 -7.13 -8.97
N THR B 66 -15.45 -5.80 -9.00
CA THR B 66 -14.13 -5.24 -9.26
C THR B 66 -13.13 -5.44 -8.11
N THR B 67 -13.63 -5.58 -6.88
CA THR B 67 -12.72 -5.84 -5.75
C THR B 67 -12.10 -7.24 -5.77
N ILE B 68 -12.91 -8.24 -6.06
CA ILE B 68 -12.37 -9.59 -6.19
C ILE B 68 -11.50 -9.68 -7.45
N GLU B 69 -11.81 -8.88 -8.46
CA GLU B 69 -10.94 -8.83 -9.65
C GLU B 69 -9.56 -8.29 -9.26
N ALA B 70 -9.52 -7.35 -8.33
CA ALA B 70 -8.24 -6.86 -7.81
C ALA B 70 -7.49 -7.91 -7.01
N VAL B 71 -8.24 -8.76 -6.29
CA VAL B 71 -7.64 -9.94 -5.65
C VAL B 71 -6.99 -10.84 -6.69
N ALA B 72 -7.74 -11.20 -7.74
CA ALA B 72 -7.21 -11.97 -8.88
C ALA B 72 -5.94 -11.33 -9.48
N GLU B 73 -5.97 -10.02 -9.68
CA GLU B 73 -4.85 -9.32 -10.28
C GLU B 73 -3.58 -9.42 -9.43
N THR B 76 -0.59 -14.59 -6.96
CA THR B 76 0.65 -15.14 -7.45
C THR B 76 0.67 -16.61 -7.05
N PRO B 77 1.50 -17.44 -7.73
CA PRO B 77 1.58 -18.85 -7.36
C PRO B 77 1.95 -19.05 -5.88
N ASP B 78 1.52 -20.19 -5.35
CA ASP B 78 1.76 -20.55 -3.97
C ASP B 78 3.18 -21.07 -3.86
N SER B 79 3.92 -20.50 -2.91
CA SER B 79 5.31 -20.84 -2.67
C SER B 79 5.44 -22.22 -2.04
N LYS B 80 4.41 -22.62 -1.31
CA LYS B 80 4.35 -23.94 -0.70
C LYS B 80 3.83 -24.99 -1.71
N ASN B 81 3.43 -24.52 -2.88
CA ASN B 81 2.93 -25.36 -3.98
C ASN B 81 1.76 -26.29 -3.62
N ARG B 82 0.83 -25.76 -2.83
CA ARG B 82 -0.38 -26.49 -2.46
C ARG B 82 -1.37 -26.51 -3.63
N GLU B 83 -2.29 -27.46 -3.63
CA GLU B 83 -3.20 -27.66 -4.75
C GLU B 83 -4.38 -26.70 -4.69
N LEU B 84 -4.68 -26.04 -5.81
CA LEU B 84 -5.68 -24.99 -5.81
C LEU B 84 -6.66 -25.18 -6.97
N LEU B 85 -7.94 -25.36 -6.65
CA LEU B 85 -9.03 -25.41 -7.64
C LEU B 85 -10.01 -24.29 -7.34
N PHE B 86 -10.21 -23.41 -8.31
CA PHE B 86 -11.11 -22.28 -8.10
C PHE B 86 -12.45 -22.46 -8.81
N VAL B 87 -13.53 -22.13 -8.11
CA VAL B 87 -14.85 -22.28 -8.75
C VAL B 87 -15.68 -21.00 -8.51
N PRO B 88 -16.56 -20.63 -9.45
CA PRO B 88 -17.42 -19.46 -9.21
C PRO B 88 -18.49 -19.84 -8.17
N ALA B 89 -18.71 -19.00 -7.19
CA ALA B 89 -19.59 -19.36 -6.07
C ALA B 89 -21.03 -19.41 -6.53
N ARG B 90 -21.44 -18.52 -7.41
N ARG B 90 -21.34 -18.35 -7.30
CA ARG B 90 -22.78 -18.65 -8.03
CA ARG B 90 -22.67 -17.85 -7.71
C ARG B 90 -22.69 -18.30 -9.52
C ARG B 90 -22.63 -16.94 -8.96
N GLY B 91 -23.47 -17.30 -9.92
CA GLY B 91 -23.44 -16.71 -11.24
C GLY B 91 -24.85 -16.33 -11.55
N GLY B 92 -25.10 -15.97 -12.80
CA GLY B 92 -26.43 -15.58 -13.21
C GLY B 92 -26.94 -14.43 -12.36
N LEU B 93 -26.01 -13.59 -11.89
CA LEU B 93 -26.41 -12.43 -11.11
C LEU B 93 -26.67 -11.15 -11.92
N GLY B 94 -26.48 -11.19 -13.24
CA GLY B 94 -26.82 -10.05 -14.09
C GLY B 94 -25.67 -9.09 -14.28
N GLU B 95 -24.47 -9.51 -13.91
CA GLU B 95 -23.28 -8.71 -14.21
C GLU B 95 -22.88 -8.81 -15.65
N ASP B 96 -22.28 -7.73 -16.14
CA ASP B 96 -21.49 -7.82 -17.35
C ASP B 96 -20.39 -8.85 -17.16
N VAL B 97 -19.97 -9.45 -18.25
CA VAL B 97 -18.94 -10.52 -18.17
C VAL B 97 -17.69 -10.14 -17.39
N LYS B 98 -17.23 -8.88 -17.50
CA LYS B 98 -16.01 -8.49 -16.81
C LYS B 98 -16.11 -8.59 -15.31
N ASN B 99 -17.33 -8.61 -14.79
CA ASN B 99 -17.55 -8.62 -13.34
C ASN B 99 -18.15 -9.92 -12.84
N GLN B 100 -18.35 -10.87 -13.76
CA GLN B 100 -18.87 -12.18 -13.39
C GLN B 100 -17.89 -13.05 -12.61
N ALA B 101 -18.42 -13.72 -11.59
CA ALA B 101 -17.62 -14.72 -10.88
C ALA B 101 -16.90 -15.69 -11.82
N ASN B 102 -17.58 -16.07 -12.93
CA ASN B 102 -17.02 -17.05 -13.87
C ASN B 102 -15.73 -16.49 -14.54
N THR B 103 -15.65 -15.18 -14.68
CA THR B 103 -14.51 -14.50 -15.33
C THR B 103 -13.39 -14.34 -14.31
N ILE B 104 -13.77 -13.86 -13.13
CA ILE B 104 -12.82 -13.59 -12.08
C ILE B 104 -12.17 -14.86 -11.58
N CYS B 105 -12.95 -15.92 -11.44
CA CYS B 105 -12.42 -17.23 -10.96
C CYS B 105 -11.31 -17.76 -11.88
N ALA B 106 -11.58 -17.69 -13.18
CA ALA B 106 -10.61 -18.10 -14.18
C ALA B 106 -9.34 -17.27 -14.19
N HIS B 107 -9.47 -15.95 -14.04
CA HIS B 107 -8.30 -15.08 -13.93
C HIS B 107 -7.51 -15.42 -12.67
N ALA B 109 -7.34 -18.26 -11.08
CA ALA B 109 -6.74 -19.57 -11.26
C ALA B 109 -5.50 -19.44 -12.11
N GLU B 110 -5.60 -18.69 -13.20
CA GLU B 110 -4.45 -18.45 -14.09
CA GLU B 110 -4.45 -18.50 -14.07
C GLU B 110 -3.28 -17.84 -13.32
N LYS B 111 -3.58 -16.82 -12.52
CA LYS B 111 -2.56 -16.09 -11.76
C LYS B 111 -1.91 -16.92 -10.66
N ALA B 112 -2.67 -17.86 -10.10
CA ALA B 112 -2.23 -18.76 -9.05
C ALA B 112 -1.54 -20.01 -9.61
N SER B 113 -1.54 -20.15 -10.95
CA SER B 113 -1.12 -21.39 -11.59
C SER B 113 -1.90 -22.58 -11.03
N GLY B 114 -3.19 -22.35 -10.77
CA GLY B 114 -4.10 -23.41 -10.34
C GLY B 114 -4.99 -23.88 -11.45
N THR B 115 -6.10 -24.52 -11.09
CA THR B 115 -7.09 -24.95 -12.06
C THR B 115 -8.45 -24.33 -11.71
N TYR B 116 -9.37 -24.41 -12.65
CA TYR B 116 -10.66 -23.74 -12.48
C TYR B 116 -11.72 -24.53 -13.22
N ARG B 117 -12.97 -24.32 -12.81
CA ARG B 117 -14.11 -24.85 -13.52
C ARG B 117 -14.92 -23.68 -14.00
N LEU B 118 -15.44 -23.80 -15.22
CA LEU B 118 -16.38 -22.84 -15.79
C LEU B 118 -17.80 -23.21 -15.35
N LEU B 119 -18.58 -22.19 -15.04
CA LEU B 119 -20.00 -22.33 -14.81
C LEU B 119 -20.68 -21.07 -15.33
N PHE B 120 -21.37 -21.20 -16.46
CA PHE B 120 -22.17 -20.08 -16.93
C PHE B 120 -23.64 -20.51 -17.06
N VAL B 121 -24.50 -19.98 -16.20
CA VAL B 121 -25.93 -20.25 -16.27
C VAL B 121 -26.59 -18.90 -16.07
N PRO B 122 -27.04 -18.29 -17.16
CA PRO B 122 -27.52 -16.91 -17.09
C PRO B 122 -28.84 -16.78 -16.34
N GLY B 123 -29.16 -15.54 -15.97
CA GLY B 123 -30.17 -15.25 -14.97
C GLY B 123 -31.59 -15.37 -15.43
N GLN B 124 -31.84 -15.02 -16.70
CA GLN B 124 -33.21 -14.91 -17.19
C GLN B 124 -33.63 -16.03 -18.14
N LEU B 125 -33.15 -17.26 -17.88
CA LEU B 125 -33.65 -18.46 -18.59
C LEU B 125 -35.10 -18.74 -18.19
N SER B 126 -35.89 -19.23 -19.15
CA SER B 126 -37.24 -19.74 -18.84
C SER B 126 -37.19 -20.85 -17.79
N GLN B 127 -38.32 -21.14 -17.15
CA GLN B 127 -38.30 -22.21 -16.17
C GLN B 127 -37.87 -23.51 -16.82
N GLY B 128 -38.38 -23.77 -18.03
CA GLY B 128 -38.02 -25.00 -18.73
C GLY B 128 -36.53 -25.10 -19.04
N ALA B 129 -35.98 -24.01 -19.57
CA ALA B 129 -34.55 -24.02 -19.93
C ALA B 129 -33.66 -24.15 -18.70
N TYR B 130 -34.05 -23.49 -17.62
CA TYR B 130 -33.25 -23.51 -16.40
C TYR B 130 -33.30 -24.91 -15.76
N SER B 131 -34.49 -25.49 -15.72
CA SER B 131 -34.67 -26.85 -15.19
C SER B 131 -33.82 -27.87 -15.94
N SER B 132 -33.70 -27.68 -17.26
CA SER B 132 -32.96 -28.56 -18.12
C SER B 132 -31.45 -28.32 -17.97
N ILE B 133 -31.04 -27.05 -17.93
CA ILE B 133 -29.58 -26.76 -17.85
C ILE B 133 -28.93 -27.24 -16.57
N ILE B 134 -29.65 -27.21 -15.45
CA ILE B 134 -29.03 -27.55 -14.17
C ILE B 134 -28.84 -29.05 -14.00
N GLU B 135 -29.41 -29.83 -14.92
CA GLU B 135 -29.23 -31.27 -14.96
C GLU B 135 -28.09 -31.72 -15.88
N GLU B 136 -27.49 -30.77 -16.61
CA GLU B 136 -26.43 -31.13 -17.56
C GLU B 136 -25.19 -31.52 -16.76
N PRO B 137 -24.50 -32.58 -17.19
CA PRO B 137 -23.38 -33.11 -16.41
C PRO B 137 -22.36 -32.05 -15.98
N SER B 138 -21.99 -31.14 -16.87
CA SER B 138 -21.00 -30.13 -16.47
C SER B 138 -21.46 -29.22 -15.36
N VAL B 139 -22.76 -28.93 -15.33
CA VAL B 139 -23.32 -28.06 -14.32
C VAL B 139 -23.43 -28.81 -13.04
N LYS B 140 -24.05 -30.01 -13.06
CA LYS B 140 -24.15 -30.84 -11.86
C LYS B 140 -22.80 -31.08 -11.19
N GLU B 141 -21.79 -31.41 -11.99
CA GLU B 141 -20.47 -31.64 -11.43
C GLU B 141 -19.91 -30.40 -10.71
N VAL B 142 -20.04 -29.24 -11.34
CA VAL B 142 -19.47 -28.05 -10.75
C VAL B 142 -20.25 -27.63 -9.48
N LEU B 143 -21.56 -27.85 -9.46
CA LEU B 143 -22.37 -27.55 -8.29
C LEU B 143 -21.92 -28.40 -7.14
N ASN B 144 -21.63 -29.66 -7.43
CA ASN B 144 -21.08 -30.53 -6.37
C ASN B 144 -19.74 -30.05 -5.85
N THR B 145 -18.86 -29.63 -6.75
CA THR B 145 -17.58 -29.04 -6.37
C THR B 145 -17.78 -27.80 -5.47
N ILE B 146 -18.69 -26.91 -5.87
CA ILE B 146 -18.99 -25.74 -5.03
C ILE B 146 -19.45 -26.11 -3.61
N LYS B 147 -20.25 -27.15 -3.50
CA LYS B 147 -20.71 -27.64 -2.21
C LYS B 147 -19.56 -28.06 -1.31
N SER B 148 -18.44 -28.42 -1.92
CA SER B 148 -17.22 -28.87 -1.25
C SER B 148 -16.17 -27.77 -0.98
N ALA B 149 -16.55 -26.51 -1.17
CA ALA B 149 -15.62 -25.42 -1.07
C ALA B 149 -14.96 -25.42 0.29
N SER B 150 -13.66 -25.20 0.31
CA SER B 150 -12.93 -25.09 1.59
C SER B 150 -12.69 -23.62 1.94
N LEU B 152 -14.14 -19.42 0.80
CA LEU B 152 -14.94 -18.48 0.01
C LEU B 152 -14.30 -17.13 0.07
N VAL B 153 -14.12 -16.50 -1.09
CA VAL B 153 -13.66 -15.12 -1.14
CA VAL B 153 -13.65 -15.14 -1.17
C VAL B 153 -14.72 -14.31 -1.84
N HIS B 154 -15.21 -13.28 -1.16
CA HIS B 154 -16.32 -12.53 -1.69
C HIS B 154 -16.26 -11.04 -1.41
N GLY B 155 -16.98 -10.29 -2.22
CA GLY B 155 -17.10 -8.86 -2.02
C GLY B 155 -18.38 -8.50 -1.27
N ILE B 156 -18.54 -7.21 -1.02
CA ILE B 156 -19.73 -6.73 -0.34
C ILE B 156 -20.00 -5.43 -1.06
N GLY B 157 -21.24 -5.25 -1.51
CA GLY B 157 -21.60 -4.00 -2.19
C GLY B 157 -22.72 -3.23 -1.53
N GLU B 158 -22.84 -1.94 -1.85
CA GLU B 158 -24.04 -1.18 -1.52
C GLU B 158 -25.19 -1.71 -2.34
N ALA B 159 -26.34 -1.91 -1.72
CA ALA B 159 -27.48 -2.48 -2.44
C ALA B 159 -27.84 -1.70 -3.68
N LYS B 160 -27.94 -0.38 -3.55
CA LYS B 160 -28.37 0.45 -4.65
C LYS B 160 -27.41 0.36 -5.82
N THR B 161 -26.12 0.43 -5.51
CA THR B 161 -25.05 0.38 -6.50
C THR B 161 -25.07 -0.97 -7.27
N ALA B 163 -27.70 -3.11 -7.49
CA ALA B 163 -28.96 -3.22 -8.26
C ALA B 163 -28.86 -2.53 -9.59
N GLN B 164 -28.21 -1.37 -9.58
CA GLN B 164 -28.09 -0.54 -10.81
C GLN B 164 -27.11 -1.12 -11.83
N ARG B 165 -25.99 -1.64 -11.33
CA ARG B 165 -24.97 -2.15 -12.22
C ARG B 165 -25.46 -3.41 -12.91
N ARG B 166 -26.16 -4.25 -12.17
CA ARG B 166 -26.66 -5.54 -12.64
C ARG B 166 -27.86 -5.35 -13.56
N ASN B 167 -28.21 -6.38 -14.32
CA ASN B 167 -29.46 -6.37 -15.04
C ASN B 167 -30.53 -6.81 -14.05
N THR B 168 -31.15 -5.83 -13.38
CA THR B 168 -32.17 -6.10 -12.36
C THR B 168 -33.55 -5.78 -12.94
N PRO B 169 -34.44 -6.80 -13.04
CA PRO B 169 -35.80 -6.61 -13.56
C PRO B 169 -36.60 -5.54 -12.78
N LEU B 170 -37.40 -4.70 -13.49
CA LEU B 170 -38.21 -3.59 -12.87
C LEU B 170 -38.89 -4.00 -11.56
N GLU B 171 -39.55 -5.19 -11.59
CA GLU B 171 -40.19 -5.80 -10.41
C GLU B 171 -39.28 -5.92 -9.17
N ASP B 172 -38.00 -6.29 -9.37
CA ASP B 172 -37.08 -6.54 -8.26
C ASP B 172 -36.41 -5.28 -7.68
N LEU B 173 -36.18 -4.27 -8.52
CA LEU B 173 -35.73 -2.95 -8.04
C LEU B 173 -36.69 -2.39 -6.99
N LYS B 174 -37.98 -2.48 -7.31
CA LYS B 174 -38.99 -2.02 -6.38
C LYS B 174 -38.85 -2.78 -5.05
N LYS B 175 -38.70 -4.10 -5.14
CA LYS B 175 -38.57 -4.93 -3.93
CA LYS B 175 -38.56 -4.95 -3.94
C LYS B 175 -37.36 -4.54 -3.08
N ILE B 176 -36.21 -4.35 -3.73
CA ILE B 176 -34.97 -3.95 -3.05
C ILE B 176 -35.15 -2.58 -2.37
N ASP B 177 -35.85 -1.67 -3.07
CA ASP B 177 -36.13 -0.36 -2.51
C ASP B 177 -37.18 -0.41 -1.39
N ASP B 178 -38.33 -1.03 -1.66
CA ASP B 178 -39.42 -1.14 -0.67
C ASP B 178 -38.98 -1.79 0.63
N ASN B 179 -38.05 -2.73 0.53
CA ASN B 179 -37.62 -3.48 1.71
C ASN B 179 -36.34 -2.94 2.35
N ASP B 180 -35.92 -1.77 1.88
CA ASP B 180 -34.84 -1.03 2.52
C ASP B 180 -33.53 -1.81 2.56
N ALA B 181 -33.19 -2.44 1.44
CA ALA B 181 -31.90 -3.15 1.38
C ALA B 181 -30.84 -2.09 1.44
N VAL B 182 -29.76 -2.35 2.18
CA VAL B 182 -28.61 -1.43 2.18
C VAL B 182 -27.26 -2.10 1.83
N THR B 183 -27.22 -3.44 1.83
CA THR B 183 -26.00 -4.15 1.51
C THR B 183 -26.28 -5.37 0.63
N GLU B 184 -25.26 -5.87 -0.08
CA GLU B 184 -25.42 -7.01 -0.97
C GLU B 184 -24.16 -7.86 -0.88
N ALA B 185 -24.32 -9.17 -0.95
CA ALA B 185 -23.18 -10.09 -1.06
C ALA B 185 -23.66 -11.36 -1.78
N PHE B 186 -22.87 -11.83 -2.72
CA PHE B 186 -23.13 -13.05 -3.50
C PHE B 186 -24.61 -13.24 -3.90
N GLY B 187 -25.24 -12.16 -4.30
CA GLY B 187 -26.57 -12.23 -4.88
C GLY B 187 -27.69 -12.19 -3.86
N TYR B 188 -27.37 -11.85 -2.62
CA TYR B 188 -28.37 -11.64 -1.59
C TYR B 188 -28.32 -10.18 -1.22
N TYR B 189 -29.48 -9.56 -1.10
CA TYR B 189 -29.59 -8.18 -0.59
C TYR B 189 -30.12 -8.23 0.83
N PHE B 190 -29.47 -7.47 1.72
CA PHE B 190 -29.77 -7.45 3.14
C PHE B 190 -30.16 -6.05 3.62
N ASN B 191 -30.98 -6.01 4.67
CA ASN B 191 -31.36 -4.75 5.26
C ASN B 191 -30.32 -4.32 6.30
N ALA B 192 -30.58 -3.20 6.97
CA ALA B 192 -29.63 -2.67 7.98
C ALA B 192 -29.35 -3.62 9.15
N ASP B 193 -30.23 -4.60 9.33
CA ASP B 193 -30.09 -5.56 10.40
C ASP B 193 -29.39 -6.86 9.94
N GLY B 194 -28.91 -6.87 8.70
CA GLY B 194 -28.25 -8.07 8.16
C GLY B 194 -29.25 -9.15 7.78
N GLU B 195 -30.53 -8.80 7.65
CA GLU B 195 -31.58 -9.75 7.26
C GLU B 195 -31.75 -9.80 5.75
N VAL B 196 -31.91 -11.00 5.21
CA VAL B 196 -32.14 -11.10 3.72
C VAL B 196 -33.49 -10.48 3.37
N VAL B 197 -33.48 -9.54 2.41
CA VAL B 197 -34.72 -8.97 1.90
C VAL B 197 -35.01 -9.27 0.45
N HIS B 198 -33.99 -9.69 -0.28
CA HIS B 198 -34.16 -10.10 -1.67
C HIS B 198 -33.03 -11.04 -2.05
N LYS B 199 -33.39 -12.20 -2.58
CA LYS B 199 -32.42 -13.16 -3.07
C LYS B 199 -32.50 -13.25 -4.60
N VAL B 200 -31.36 -13.10 -5.26
CA VAL B 200 -31.29 -13.36 -6.69
C VAL B 200 -31.29 -14.86 -6.91
N HIS B 201 -32.24 -15.32 -7.71
CA HIS B 201 -32.38 -16.72 -8.15
C HIS B 201 -31.22 -17.09 -9.05
N SER B 202 -30.40 -18.02 -8.58
CA SER B 202 -29.23 -18.48 -9.33
C SER B 202 -28.68 -19.77 -8.76
N VAL B 203 -27.98 -20.51 -9.59
CA VAL B 203 -27.42 -21.80 -9.22
C VAL B 203 -26.20 -21.63 -8.29
N GLY B 204 -25.84 -22.68 -7.55
CA GLY B 204 -24.61 -22.64 -6.76
C GLY B 204 -24.82 -22.37 -5.29
N GLN B 206 -25.67 -21.25 -1.68
CA GLN B 206 -26.74 -20.53 -1.04
C GLN B 206 -26.24 -20.01 0.29
N LEU B 207 -26.92 -19.01 0.85
CA LEU B 207 -26.41 -18.35 2.08
C LEU B 207 -26.19 -19.36 3.21
N ASP B 208 -27.08 -20.34 3.35
CA ASP B 208 -26.95 -21.35 4.40
C ASP B 208 -25.67 -22.17 4.22
N ASP B 209 -25.16 -22.22 3.01
CA ASP B 209 -23.98 -23.01 2.73
C ASP B 209 -22.71 -22.39 3.28
N ILE B 210 -22.70 -21.09 3.55
CA ILE B 210 -21.45 -20.49 3.98
C ILE B 210 -21.04 -20.98 5.37
N ASP B 211 -22.02 -21.46 6.15
CA ASP B 211 -21.78 -21.97 7.50
C ASP B 211 -20.81 -23.14 7.52
N ALA B 212 -20.76 -23.90 6.43
CA ALA B 212 -19.90 -25.07 6.38
C ALA B 212 -18.55 -24.77 5.73
N ILE B 213 -18.33 -23.52 5.34
CA ILE B 213 -17.04 -23.18 4.76
C ILE B 213 -16.12 -22.62 5.83
N PRO B 214 -15.04 -23.33 6.16
CA PRO B 214 -14.31 -22.92 7.35
C PRO B 214 -13.52 -21.62 7.20
N ASP B 215 -13.09 -21.30 5.99
CA ASP B 215 -12.37 -20.03 5.75
C ASP B 215 -13.09 -19.11 4.77
N ILE B 216 -13.65 -18.02 5.31
CA ILE B 216 -14.35 -17.00 4.48
C ILE B 216 -13.62 -15.67 4.56
N ILE B 217 -13.26 -15.10 3.40
CA ILE B 217 -12.59 -13.81 3.36
C ILE B 217 -13.44 -12.85 2.56
N ALA B 218 -13.88 -11.78 3.23
CA ALA B 218 -14.68 -10.74 2.61
C ALA B 218 -13.71 -9.60 2.27
N VAL B 219 -13.78 -9.04 1.07
CA VAL B 219 -12.87 -7.96 0.68
C VAL B 219 -13.73 -6.82 0.16
N ALA B 220 -13.74 -5.69 0.87
CA ALA B 220 -14.61 -4.56 0.53
C ALA B 220 -14.14 -3.33 1.27
N GLY B 221 -14.15 -2.20 0.58
CA GLY B 221 -13.67 -0.97 1.17
C GLY B 221 -14.19 0.26 0.50
N GLY B 222 -13.63 1.40 0.90
CA GLY B 222 -14.10 2.71 0.45
C GLY B 222 -15.15 3.30 1.36
N SER B 223 -15.10 4.62 1.51
CA SER B 223 -16.02 5.30 2.43
C SER B 223 -17.47 5.02 2.08
N SER B 224 -17.74 4.91 0.78
CA SER B 224 -19.11 4.74 0.33
C SER B 224 -19.68 3.42 0.81
N LYS B 225 -18.80 2.47 1.15
CA LYS B 225 -19.26 1.14 1.65
C LYS B 225 -19.40 0.94 3.17
N ALA B 226 -19.11 1.94 3.99
CA ALA B 226 -19.07 1.73 5.45
C ALA B 226 -20.39 1.19 5.98
N GLU B 227 -21.48 1.81 5.54
CA GLU B 227 -22.81 1.39 5.96
CA GLU B 227 -22.80 1.40 5.98
C GLU B 227 -23.13 -0.03 5.48
N ALA B 228 -22.76 -0.36 4.25
CA ALA B 228 -23.05 -1.70 3.73
C ALA B 228 -22.26 -2.76 4.48
N ILE B 229 -21.00 -2.46 4.79
CA ILE B 229 -20.12 -3.41 5.53
C ILE B 229 -20.72 -3.62 6.93
N GLU B 230 -21.07 -2.51 7.58
CA GLU B 230 -21.65 -2.58 8.93
C GLU B 230 -22.90 -3.50 8.93
N ALA B 231 -23.79 -3.28 7.97
CA ALA B 231 -25.05 -4.03 7.89
C ALA B 231 -24.82 -5.51 7.60
N TYR B 232 -23.93 -5.82 6.66
CA TYR B 232 -23.66 -7.22 6.37
C TYR B 232 -23.23 -8.00 7.64
N PHE B 233 -22.36 -7.39 8.45
CA PHE B 233 -21.84 -8.02 9.66
C PHE B 233 -22.71 -7.82 10.91
N LYS B 234 -23.97 -7.44 10.70
CA LYS B 234 -24.92 -7.43 11.82
C LYS B 234 -25.29 -8.81 12.36
N LYS B 235 -24.96 -9.84 11.59
CA LYS B 235 -25.24 -11.23 11.92
C LYS B 235 -23.89 -11.94 11.96
N PRO B 236 -23.79 -13.07 12.67
CA PRO B 236 -22.48 -13.75 12.67
C PRO B 236 -22.20 -14.39 11.32
N ARG B 237 -21.01 -14.10 10.79
CA ARG B 237 -20.59 -14.61 9.50
C ARG B 237 -19.28 -15.43 9.61
N ASN B 238 -18.64 -15.52 10.78
CA ASN B 238 -17.38 -16.28 10.89
CA ASN B 238 -17.42 -16.32 10.88
C ASN B 238 -16.41 -15.94 9.75
N THR B 239 -16.23 -14.64 9.53
CA THR B 239 -15.53 -14.15 8.35
C THR B 239 -14.36 -13.25 8.72
N VAL B 240 -13.32 -13.26 7.88
CA VAL B 240 -12.22 -12.31 7.97
C VAL B 240 -12.54 -11.20 6.98
N LEU B 241 -12.49 -9.96 7.45
CA LEU B 241 -12.70 -8.82 6.56
C LEU B 241 -11.36 -8.15 6.20
N VAL B 242 -11.13 -7.98 4.91
CA VAL B 242 -10.04 -7.14 4.43
C VAL B 242 -10.67 -5.86 3.92
N THR B 243 -10.30 -4.72 4.52
CA THR B 243 -10.92 -3.43 4.13
C THR B 243 -9.86 -2.31 4.11
N ASP B 244 -10.30 -1.05 4.01
CA ASP B 244 -9.35 0.08 4.03
C ASP B 244 -9.72 1.16 5.05
N GLU B 245 -8.81 2.12 5.30
CA GLU B 245 -9.10 3.31 6.17
C GLU B 245 -10.38 4.05 5.79
N GLY B 246 -10.58 4.29 4.49
N GLY B 246 -10.57 4.29 4.50
CA GLY B 246 -11.81 4.93 4.02
CA GLY B 246 -11.81 4.93 4.04
C GLY B 246 -13.09 4.34 4.64
C GLY B 246 -13.04 4.33 4.71
N ALA B 247 -13.23 3.02 4.54
CA ALA B 247 -14.40 2.34 5.13
C ALA B 247 -14.37 2.23 6.65
N ALA B 248 -13.25 1.76 7.21
CA ALA B 248 -13.17 1.44 8.65
C ALA B 248 -13.34 2.71 9.50
N LYS B 249 -12.60 3.76 9.18
CA LYS B 249 -12.73 5.01 9.92
C LYS B 249 -14.14 5.59 9.84
N LYS B 250 -14.76 5.58 8.66
CA LYS B 250 -16.15 6.08 8.57
C LYS B 250 -17.14 5.23 9.36
N LEU B 251 -16.94 3.91 9.34
CA LEU B 251 -17.79 2.97 10.08
C LEU B 251 -17.75 3.24 11.57
N LEU B 252 -16.54 3.48 12.09
CA LEU B 252 -16.33 3.70 13.51
C LEU B 252 -16.59 5.16 13.92
N ARG B 253 -16.99 6.00 12.96
CA ARG B 253 -17.31 7.42 13.20
C ARG B 253 -18.63 7.50 13.95
#